data_4BB9
#
_entry.id   4BB9
#
_cell.length_a   60.970
_cell.length_b   72.300
_cell.length_c   136.890
_cell.angle_alpha   90.00
_cell.angle_beta   90.00
_cell.angle_gamma   90.00
#
_symmetry.space_group_name_H-M   'P 21 21 21'
#
loop_
_entity.id
_entity.type
_entity.pdbx_description
1 polymer 'GLUCOKINASE REGULATORY PROTEIN'
2 non-polymer 1-O-phosphono-beta-D-fructopyranose
3 non-polymer 'CALCIUM ION'
4 water water
#
_entity_poly.entity_id   1
_entity_poly.type   'polypeptide(L)'
_entity_poly.pdbx_seq_one_letter_code
;MPGTKRFQHVIETPEPGKWELSGYEAAVPITEKSNPLTQDLDKADAENIVRLLGQCDAEIFQEEGQALSTYQRLYSESIL
TTMVQVAGKVQEVLKEPDGGLVVLSGGGTSGRMAFLMSVSFNQLMKGLGQKPLYTYLIAGGDRSVVASREGTEDSALHGI
EELKKVAAGKKRVIVIGISVGLSAPFVAGQMDCCMNNTAVFLPVLVGFNPVSMARNDPIEDWSSTFRQVAERMQKMQEKQ
KAFVLNPAIGPEGLSGSSRMKGGSATKILLETLLLAAHKTVDQGIAASQRCLLEILRTFERAHQVTYSQSPKIATLMKSV
STSLETTGHVYLVGWQTLGIIAIMDGVECIHTFGADFRDVRGFLIGDHSDMFNQKAELTNQGPQFTFSQEDFLTSILPSL
TEIDTVVFIFTLDDNLTEVQTIVEQVKEKTNHIQALAHSTVGQTLPIPLKKLFPSIISITWPLLFFEYEGNFIQKFQREL
STKWVLNTVSTGAHVLLGKILQNHMLDLRISNSKLFWRALAMLQRFSGQSKARCIESLLRAIHFPQPLSDDIRAAPISCH
VQVAHEKEQVIPIALLSLLFRCSITEAQAHLAAAPSVCEAVRSALAGPGQKRTADPLEILEPDVQLEHHHHHH
;
_entity_poly.pdbx_strand_id   A
#
# COMPACT_ATOMS: atom_id res chain seq x y z
N ARG A 6 9.88 23.95 12.54
CA ARG A 6 9.55 22.85 11.61
C ARG A 6 9.83 21.48 12.25
N PHE A 7 10.82 21.43 13.15
CA PHE A 7 11.30 20.19 13.76
C PHE A 7 11.02 20.03 15.26
N GLN A 8 10.13 20.86 15.83
CA GLN A 8 9.79 20.84 17.26
C GLN A 8 9.31 19.48 17.79
N HIS A 9 8.50 18.76 17.01
CA HIS A 9 7.97 17.45 17.41
C HIS A 9 9.03 16.32 17.40
N VAL A 10 10.19 16.55 16.75
CA VAL A 10 11.25 15.54 16.67
C VAL A 10 11.91 15.40 18.05
N ILE A 11 11.94 14.18 18.56
CA ILE A 11 12.54 13.90 19.87
C ILE A 11 14.04 13.75 19.72
N GLU A 12 14.79 14.29 20.70
CA GLU A 12 16.23 14.18 20.71
C GLU A 12 16.67 12.71 20.69
N THR A 13 17.76 12.42 19.97
CA THR A 13 18.29 11.08 19.92
C THR A 13 18.70 10.64 21.33
N PRO A 14 18.28 9.43 21.79
CA PRO A 14 18.76 8.95 23.10
C PRO A 14 20.29 8.80 23.10
N GLU A 15 20.92 8.99 24.27
CA GLU A 15 22.38 8.87 24.42
C GLU A 15 22.81 7.39 24.21
N PRO A 16 24.08 7.06 23.86
CA PRO A 16 24.43 5.63 23.67
C PRO A 16 24.14 4.77 24.90
N GLY A 17 23.47 3.66 24.67
CA GLY A 17 23.07 2.72 25.71
C GLY A 17 21.77 3.08 26.42
N LYS A 18 21.18 4.25 26.11
CA LYS A 18 19.94 4.75 26.74
C LYS A 18 18.68 4.73 25.86
N TRP A 19 18.67 3.89 24.80
CA TRP A 19 17.52 3.73 23.90
C TRP A 19 16.42 2.93 24.57
N GLU A 20 16.84 1.98 25.44
CA GLU A 20 15.94 1.13 26.20
C GLU A 20 15.19 2.03 27.16
N LEU A 21 13.86 2.00 27.05
CA LEU A 21 12.90 2.77 27.86
C LEU A 21 12.90 4.26 27.54
N SER A 22 13.51 4.67 26.39
CA SER A 22 13.55 6.08 26.05
C SER A 22 12.20 6.60 25.61
N GLY A 23 11.98 7.89 25.85
CA GLY A 23 10.78 8.56 25.39
C GLY A 23 10.76 8.57 23.87
N TYR A 24 11.97 8.61 23.25
CA TYR A 24 12.10 8.54 21.79
C TYR A 24 11.44 7.25 21.29
N GLU A 25 11.84 6.10 21.85
CA GLU A 25 11.28 4.82 21.42
C GLU A 25 9.81 4.68 21.72
N ALA A 26 9.36 5.19 22.89
CA ALA A 26 7.94 5.12 23.26
C ALA A 26 7.04 5.85 22.25
N ALA A 27 7.57 6.89 21.58
CA ALA A 27 6.79 7.70 20.64
C ALA A 27 6.75 7.16 19.22
N VAL A 28 7.54 6.11 18.90
CA VAL A 28 7.53 5.57 17.54
C VAL A 28 6.17 4.91 17.26
N PRO A 29 5.41 5.39 16.26
CA PRO A 29 4.12 4.75 15.97
C PRO A 29 4.29 3.27 15.63
N ILE A 30 3.29 2.45 16.00
CA ILE A 30 3.37 1.02 15.68
C ILE A 30 3.60 0.80 14.17
N THR A 31 2.96 1.62 13.31
CA THR A 31 3.14 1.52 11.86
C THR A 31 4.58 1.78 11.41
N GLU A 32 5.38 2.49 12.24
CA GLU A 32 6.77 2.80 11.90
C GLU A 32 7.76 1.90 12.62
N LYS A 33 7.32 1.15 13.64
CA LYS A 33 8.20 0.31 14.45
C LYS A 33 8.83 -0.85 13.68
N SER A 34 10.02 -1.28 14.14
CA SER A 34 10.71 -2.43 13.62
C SER A 34 9.99 -3.68 14.16
N ASN A 35 9.72 -4.65 13.30
CA ASN A 35 9.08 -5.89 13.72
C ASN A 35 10.17 -6.74 14.39
N PRO A 36 9.97 -7.22 15.64
CA PRO A 36 11.04 -7.99 16.32
C PRO A 36 11.41 -9.29 15.63
N LEU A 37 10.57 -9.78 14.71
CA LEU A 37 10.82 -11.04 14.02
C LEU A 37 11.60 -10.87 12.73
N THR A 38 11.80 -9.64 12.26
CA THR A 38 12.43 -9.47 10.96
C THR A 38 13.70 -8.62 10.98
N GLN A 39 14.41 -8.52 12.13
CA GLN A 39 15.62 -7.70 12.25
C GLN A 39 16.73 -8.15 11.29
N ASP A 40 16.70 -9.41 10.85
CA ASP A 40 17.71 -9.93 9.94
C ASP A 40 17.16 -10.17 8.54
N LEU A 41 16.11 -9.41 8.16
CA LEU A 41 15.53 -9.52 6.83
C LEU A 41 16.58 -9.20 5.75
N ASP A 42 17.42 -8.18 5.98
CA ASP A 42 18.37 -7.71 4.98
C ASP A 42 19.26 -8.79 4.40
N LYS A 43 19.69 -9.74 5.23
CA LYS A 43 20.61 -10.79 4.82
C LYS A 43 19.97 -12.15 4.62
N ALA A 44 18.64 -12.26 4.78
CA ALA A 44 17.92 -13.51 4.63
C ALA A 44 17.91 -13.95 3.16
N ASP A 45 18.01 -15.27 2.92
CA ASP A 45 17.92 -15.77 1.55
C ASP A 45 16.45 -15.77 1.11
N ALA A 46 16.17 -16.07 -0.18
CA ALA A 46 14.80 -15.98 -0.71
C ALA A 46 13.78 -16.79 0.09
N GLU A 47 14.11 -18.04 0.43
CA GLU A 47 13.19 -18.88 1.16
C GLU A 47 12.91 -18.32 2.55
N ASN A 48 13.94 -17.74 3.19
CA ASN A 48 13.77 -17.18 4.51
C ASN A 48 12.98 -15.88 4.44
N ILE A 49 13.14 -15.10 3.35
CA ILE A 49 12.35 -13.87 3.18
C ILE A 49 10.86 -14.23 3.07
N VAL A 50 10.52 -15.28 2.29
CA VAL A 50 9.13 -15.72 2.16
C VAL A 50 8.59 -16.10 3.54
N ARG A 51 9.39 -16.83 4.36
CA ARG A 51 8.93 -17.23 5.68
C ARG A 51 8.69 -16.04 6.59
N LEU A 52 9.60 -15.06 6.57
CA LEU A 52 9.47 -13.87 7.40
C LEU A 52 8.27 -13.04 6.99
N LEU A 53 8.14 -12.76 5.68
CA LEU A 53 7.04 -11.92 5.20
C LEU A 53 5.68 -12.61 5.31
N GLY A 54 5.67 -13.93 5.11
CA GLY A 54 4.46 -14.72 5.30
C GLY A 54 4.00 -14.68 6.75
N GLN A 55 4.95 -14.78 7.70
CA GLN A 55 4.62 -14.74 9.12
C GLN A 55 3.99 -13.38 9.43
N CYS A 56 4.61 -12.29 8.93
CA CYS A 56 4.09 -10.95 9.15
C CYS A 56 2.71 -10.80 8.56
N ASP A 57 2.48 -11.32 7.35
CA ASP A 57 1.17 -11.21 6.72
C ASP A 57 0.07 -11.86 7.54
N ALA A 58 0.40 -12.99 8.23
CA ALA A 58 -0.58 -13.71 9.04
C ALA A 58 -0.91 -12.94 10.32
N GLU A 59 -0.02 -12.00 10.74
CA GLU A 59 -0.24 -11.29 12.00
C GLU A 59 -1.51 -10.45 12.03
N ILE A 60 -2.02 -10.06 10.85
CA ILE A 60 -3.24 -9.25 10.82
C ILE A 60 -4.43 -10.00 11.39
N PHE A 61 -4.42 -11.36 11.30
CA PHE A 61 -5.54 -12.18 11.76
C PHE A 61 -5.43 -12.63 13.19
N GLN A 62 -4.23 -12.51 13.78
CA GLN A 62 -3.97 -13.01 15.13
C GLN A 62 -4.80 -12.28 16.18
N GLU A 63 -5.54 -13.05 16.96
CA GLU A 63 -6.40 -12.48 18.00
C GLU A 63 -5.63 -12.30 19.29
N SER A 69 -2.16 -10.56 24.20
CA SER A 69 -3.37 -9.79 24.45
C SER A 69 -4.29 -9.72 23.23
N THR A 70 -5.62 -9.64 23.49
CA THR A 70 -6.66 -9.58 22.45
C THR A 70 -7.12 -8.14 22.18
N TYR A 71 -6.52 -7.16 22.88
CA TYR A 71 -6.90 -5.75 22.85
C TYR A 71 -6.88 -5.07 21.48
N GLN A 72 -8.08 -4.67 21.01
CA GLN A 72 -8.35 -3.96 19.76
C GLN A 72 -7.85 -4.67 18.50
N ARG A 73 -7.67 -5.99 18.54
CA ARG A 73 -7.23 -6.70 17.34
C ARG A 73 -8.39 -6.73 16.33
N LEU A 74 -8.12 -7.13 15.09
CA LEU A 74 -9.15 -7.18 14.05
C LEU A 74 -10.36 -8.03 14.48
N TYR A 75 -10.12 -9.13 15.21
CA TYR A 75 -11.23 -10.01 15.61
C TYR A 75 -11.83 -9.61 16.96
N SER A 76 -11.37 -8.50 17.56
CA SER A 76 -11.88 -8.10 18.88
C SER A 76 -13.34 -7.66 18.80
N GLU A 77 -14.09 -7.86 19.88
CA GLU A 77 -15.48 -7.43 19.92
C GLU A 77 -15.60 -5.95 19.65
N SER A 78 -14.67 -5.13 20.16
CA SER A 78 -14.68 -3.69 19.97
C SER A 78 -14.59 -3.31 18.48
N ILE A 79 -13.66 -3.92 17.73
CA ILE A 79 -13.51 -3.60 16.31
C ILE A 79 -14.71 -4.11 15.52
N LEU A 80 -15.13 -5.35 15.81
CA LEU A 80 -16.28 -5.92 15.09
C LEU A 80 -17.54 -5.10 15.33
N THR A 81 -17.74 -4.61 16.56
CA THR A 81 -18.88 -3.75 16.88
C THR A 81 -18.83 -2.46 16.06
N THR A 82 -17.63 -1.83 15.91
CA THR A 82 -17.52 -0.63 15.09
C THR A 82 -17.86 -0.97 13.64
N MET A 83 -17.39 -2.13 13.16
CA MET A 83 -17.70 -2.56 11.80
C MET A 83 -19.21 -2.71 11.58
N VAL A 84 -19.92 -3.28 12.57
CA VAL A 84 -21.38 -3.43 12.50
C VAL A 84 -22.03 -2.05 12.45
N GLN A 85 -21.54 -1.09 13.28
CA GLN A 85 -22.11 0.24 13.29
C GLN A 85 -21.91 0.97 11.93
N VAL A 86 -20.69 0.83 11.34
CA VAL A 86 -20.38 1.47 10.07
C VAL A 86 -21.23 0.82 8.97
N ALA A 87 -21.38 -0.53 8.98
CA ALA A 87 -22.19 -1.19 7.95
C ALA A 87 -23.64 -0.69 8.09
N GLY A 88 -24.07 -0.40 9.33
CA GLY A 88 -25.40 0.17 9.55
C GLY A 88 -25.56 1.52 8.87
N LYS A 89 -24.54 2.37 8.94
CA LYS A 89 -24.62 3.68 8.29
C LYS A 89 -24.56 3.54 6.77
N VAL A 90 -23.74 2.61 6.27
CA VAL A 90 -23.59 2.43 4.82
C VAL A 90 -24.92 1.92 4.26
N GLN A 91 -25.56 0.94 4.93
CA GLN A 91 -26.82 0.40 4.41
C GLN A 91 -27.93 1.47 4.33
N GLU A 92 -27.90 2.49 5.22
CA GLU A 92 -28.86 3.59 5.15
C GLU A 92 -28.71 4.33 3.83
N VAL A 93 -27.45 4.48 3.33
CA VAL A 93 -27.17 5.14 2.06
C VAL A 93 -27.57 4.23 0.90
N LEU A 94 -27.25 2.93 0.98
CA LEU A 94 -27.58 2.00 -0.10
C LEU A 94 -29.09 1.89 -0.32
N LYS A 95 -29.88 2.07 0.76
CA LYS A 95 -31.36 2.04 0.72
C LYS A 95 -31.94 3.30 0.07
N GLU A 96 -31.18 4.41 0.08
CA GLU A 96 -31.60 5.70 -0.48
C GLU A 96 -30.62 6.14 -1.58
N PRO A 97 -30.59 5.47 -2.76
CA PRO A 97 -29.63 5.88 -3.81
C PRO A 97 -29.74 7.32 -4.26
N ASP A 98 -30.97 7.88 -4.27
CA ASP A 98 -31.23 9.27 -4.67
C ASP A 98 -30.60 10.21 -3.64
N GLY A 99 -29.47 10.77 -4.02
CA GLY A 99 -28.74 11.68 -3.16
C GLY A 99 -27.69 11.01 -2.29
N GLY A 100 -27.52 9.69 -2.43
CA GLY A 100 -26.54 8.96 -1.62
C GLY A 100 -25.22 8.74 -2.33
N LEU A 101 -24.14 8.65 -1.55
CA LEU A 101 -22.82 8.41 -2.11
C LEU A 101 -21.92 7.80 -1.05
N VAL A 102 -21.04 6.86 -1.47
CA VAL A 102 -20.04 6.30 -0.59
C VAL A 102 -18.71 6.62 -1.22
N VAL A 103 -17.90 7.42 -0.52
CA VAL A 103 -16.59 7.85 -0.98
C VAL A 103 -15.54 7.12 -0.18
N LEU A 104 -14.51 6.59 -0.85
CA LEU A 104 -13.35 6.01 -0.19
C LEU A 104 -12.18 6.88 -0.63
N SER A 105 -11.27 7.20 0.31
CA SER A 105 -10.20 8.14 0.02
CA SER A 105 -10.18 8.12 -0.01
C SER A 105 -8.86 7.76 0.65
N GLY A 106 -7.77 8.17 0.02
CA GLY A 106 -6.45 7.95 0.59
C GLY A 106 -5.35 8.39 -0.33
N GLY A 107 -4.12 8.30 0.18
CA GLY A 107 -2.90 8.52 -0.60
C GLY A 107 -2.21 7.20 -0.87
N GLY A 108 -1.43 7.15 -1.94
CA GLY A 108 -0.64 5.96 -2.24
C GLY A 108 -1.43 4.66 -2.25
N THR A 109 -0.91 3.60 -1.58
CA THR A 109 -1.63 2.32 -1.57
C THR A 109 -3.01 2.47 -0.93
N SER A 110 -3.15 3.36 0.09
CA SER A 110 -4.48 3.55 0.68
C SER A 110 -5.47 4.12 -0.37
N GLY A 111 -5.01 5.07 -1.20
CA GLY A 111 -5.83 5.59 -2.29
C GLY A 111 -6.10 4.54 -3.35
N ARG A 112 -5.12 3.63 -3.61
CA ARG A 112 -5.34 2.60 -4.63
C ARG A 112 -6.32 1.56 -4.09
N MET A 113 -6.33 1.33 -2.75
CA MET A 113 -7.32 0.46 -2.11
C MET A 113 -8.72 1.11 -2.19
N ALA A 114 -8.79 2.44 -2.03
CA ALA A 114 -10.07 3.17 -2.18
C ALA A 114 -10.57 2.98 -3.61
N PHE A 115 -9.65 3.10 -4.61
CA PHE A 115 -9.99 2.85 -6.00
C PHE A 115 -10.53 1.41 -6.17
N LEU A 116 -9.76 0.41 -5.70
CA LEU A 116 -10.18 -0.99 -5.83
C LEU A 116 -11.55 -1.24 -5.19
N MET A 117 -11.79 -0.72 -3.97
CA MET A 117 -13.08 -0.94 -3.31
C MET A 117 -14.21 -0.36 -4.15
N SER A 118 -13.99 0.84 -4.72
CA SER A 118 -15.05 1.44 -5.53
C SER A 118 -15.32 0.59 -6.77
N VAL A 119 -14.27 0.00 -7.35
CA VAL A 119 -14.43 -0.84 -8.55
C VAL A 119 -15.24 -2.09 -8.18
N SER A 120 -14.82 -2.77 -7.11
CA SER A 120 -15.47 -4.01 -6.69
C SER A 120 -16.92 -3.82 -6.31
N PHE A 121 -17.21 -2.80 -5.49
CA PHE A 121 -18.58 -2.64 -5.04
C PHE A 121 -19.50 -2.02 -6.08
N ASN A 122 -18.96 -1.18 -7.00
CA ASN A 122 -19.81 -0.72 -8.10
C ASN A 122 -20.13 -1.90 -9.00
N GLN A 123 -19.18 -2.85 -9.20
CA GLN A 123 -19.46 -4.04 -10.00
C GLN A 123 -20.54 -4.88 -9.34
N LEU A 124 -20.46 -5.02 -8.00
CA LEU A 124 -21.44 -5.79 -7.24
C LEU A 124 -22.83 -5.18 -7.47
N MET A 125 -22.94 -3.86 -7.36
CA MET A 125 -24.21 -3.16 -7.57
C MET A 125 -24.71 -3.30 -9.02
N LYS A 126 -23.82 -3.14 -10.00
CA LYS A 126 -24.17 -3.29 -11.43
C LYS A 126 -24.71 -4.70 -11.73
N GLY A 127 -24.09 -5.72 -11.15
CA GLY A 127 -24.49 -7.11 -11.31
C GLY A 127 -25.87 -7.40 -10.76
N LEU A 128 -26.31 -6.57 -9.80
CA LEU A 128 -27.64 -6.68 -9.18
C LEU A 128 -28.66 -5.70 -9.80
N GLY A 129 -28.25 -5.02 -10.88
CA GLY A 129 -29.09 -4.06 -11.60
C GLY A 129 -29.35 -2.78 -10.84
N GLN A 130 -28.43 -2.41 -9.92
CA GLN A 130 -28.55 -1.20 -9.11
C GLN A 130 -27.62 -0.13 -9.61
N LYS A 131 -28.00 1.13 -9.36
CA LYS A 131 -27.20 2.30 -9.71
C LYS A 131 -25.91 2.24 -8.83
N PRO A 132 -24.72 2.36 -9.44
CA PRO A 132 -23.47 2.34 -8.64
C PRO A 132 -23.39 3.55 -7.72
N LEU A 133 -23.07 3.34 -6.42
CA LEU A 133 -23.04 4.44 -5.46
C LEU A 133 -21.67 4.77 -4.90
N TYR A 134 -20.62 4.11 -5.40
CA TYR A 134 -19.28 4.34 -4.87
C TYR A 134 -18.42 5.19 -5.75
N THR A 135 -17.52 5.92 -5.11
CA THR A 135 -16.50 6.67 -5.81
C THR A 135 -15.23 6.63 -4.97
N TYR A 136 -14.10 7.00 -5.59
CA TYR A 136 -12.84 7.05 -4.87
C TYR A 136 -12.22 8.43 -5.04
N LEU A 137 -11.44 8.79 -4.03
CA LEU A 137 -10.60 9.99 -4.06
C LEU A 137 -9.18 9.55 -3.75
N ILE A 138 -8.30 9.67 -4.73
CA ILE A 138 -6.89 9.34 -4.49
C ILE A 138 -6.09 10.63 -4.60
N ALA A 139 -5.20 10.88 -3.62
CA ALA A 139 -4.38 12.09 -3.67
C ALA A 139 -3.61 12.12 -5.01
N GLY A 140 -3.72 13.23 -5.73
CA GLY A 140 -3.07 13.42 -7.01
C GLY A 140 -3.87 12.97 -8.21
N GLY A 141 -5.06 12.43 -7.96
CA GLY A 141 -5.95 12.01 -9.03
C GLY A 141 -5.56 10.71 -9.70
N ASP A 142 -6.16 10.43 -10.88
CA ASP A 142 -5.97 9.14 -11.56
C ASP A 142 -4.54 8.76 -11.89
N ARG A 143 -3.67 9.76 -12.14
CA ARG A 143 -2.26 9.46 -12.41
C ARG A 143 -1.62 8.73 -11.23
N SER A 144 -2.11 9.00 -9.99
CA SER A 144 -1.58 8.35 -8.80
C SER A 144 -1.95 6.88 -8.70
N VAL A 145 -2.96 6.42 -9.46
CA VAL A 145 -3.29 4.99 -9.45
C VAL A 145 -2.12 4.20 -10.05
N VAL A 146 -1.47 4.77 -11.07
CA VAL A 146 -0.42 4.08 -11.82
C VAL A 146 1.01 4.59 -11.65
N ALA A 147 1.18 5.73 -10.98
CA ALA A 147 2.48 6.37 -10.82
C ALA A 147 2.72 6.81 -9.40
N SER A 148 4.00 7.01 -9.07
CA SER A 148 4.47 7.41 -7.76
C SER A 148 4.32 8.94 -7.61
N ARG A 149 3.22 9.37 -6.96
CA ARG A 149 2.90 10.79 -6.75
C ARG A 149 2.54 11.01 -5.29
N GLU A 150 3.33 10.42 -4.40
CA GLU A 150 3.06 10.41 -2.96
C GLU A 150 2.97 11.76 -2.29
N GLY A 151 3.67 12.77 -2.83
CA GLY A 151 3.68 14.10 -2.25
C GLY A 151 2.35 14.81 -2.31
N THR A 152 1.46 14.36 -3.22
CA THR A 152 0.15 14.99 -3.40
C THR A 152 -0.77 14.84 -2.18
N GLU A 153 -0.49 13.86 -1.29
CA GLU A 153 -1.33 13.71 -0.09
C GLU A 153 -1.03 14.73 1.00
N ASP A 154 0.04 15.53 0.84
CA ASP A 154 0.45 16.47 1.89
C ASP A 154 -0.39 17.75 1.99
N SER A 155 -1.44 17.86 1.18
CA SER A 155 -2.37 18.97 1.20
C SER A 155 -3.73 18.56 1.72
N ALA A 156 -4.13 19.13 2.87
CA ALA A 156 -5.45 18.92 3.42
C ALA A 156 -6.49 19.61 2.53
N LEU A 157 -6.15 20.81 1.99
CA LEU A 157 -7.08 21.52 1.10
C LEU A 157 -7.38 20.75 -0.17
N HIS A 158 -6.38 20.02 -0.71
CA HIS A 158 -6.59 19.20 -1.89
C HIS A 158 -7.64 18.12 -1.57
N GLY A 159 -7.53 17.51 -0.40
CA GLY A 159 -8.49 16.50 0.02
C GLY A 159 -9.90 17.06 0.16
N ILE A 160 -10.00 18.25 0.77
CA ILE A 160 -11.30 18.88 0.93
C ILE A 160 -11.92 19.28 -0.39
N GLU A 161 -11.12 19.87 -1.30
CA GLU A 161 -11.61 20.30 -2.62
C GLU A 161 -12.14 19.13 -3.40
N GLU A 162 -11.40 17.99 -3.39
CA GLU A 162 -11.85 16.82 -4.15
C GLU A 162 -13.12 16.21 -3.58
N LEU A 163 -13.28 16.24 -2.24
CA LEU A 163 -14.49 15.75 -1.60
C LEU A 163 -15.68 16.65 -1.93
N LYS A 164 -15.47 17.97 -1.89
CA LYS A 164 -16.56 18.92 -2.18
C LYS A 164 -17.08 18.71 -3.60
N LYS A 165 -16.18 18.44 -4.56
CA LYS A 165 -16.55 18.21 -5.96
C LYS A 165 -17.44 16.99 -6.12
N VAL A 166 -17.06 15.86 -5.52
CA VAL A 166 -17.86 14.64 -5.67
C VAL A 166 -19.14 14.68 -4.86
N ALA A 167 -19.11 15.40 -3.71
CA ALA A 167 -20.29 15.43 -2.84
C ALA A 167 -21.33 16.48 -3.23
N ALA A 168 -21.00 17.36 -4.19
CA ALA A 168 -21.91 18.43 -4.59
C ALA A 168 -23.30 17.92 -4.97
N GLY A 169 -24.32 18.49 -4.36
CA GLY A 169 -25.70 18.11 -4.63
C GLY A 169 -26.21 16.89 -3.90
N LYS A 170 -25.33 16.15 -3.19
CA LYS A 170 -25.76 14.95 -2.48
C LYS A 170 -26.43 15.26 -1.14
N LYS A 171 -27.22 14.32 -0.64
CA LYS A 171 -27.92 14.45 0.61
C LYS A 171 -27.25 13.68 1.75
N ARG A 172 -26.63 12.54 1.43
CA ARG A 172 -26.01 11.72 2.46
C ARG A 172 -24.76 11.09 1.86
N VAL A 173 -23.61 11.35 2.49
CA VAL A 173 -22.33 10.89 1.97
C VAL A 173 -21.53 10.21 3.07
N ILE A 174 -21.16 8.94 2.85
CA ILE A 174 -20.26 8.23 3.77
C ILE A 174 -18.87 8.51 3.20
N VAL A 175 -17.92 8.95 4.06
CA VAL A 175 -16.57 9.19 3.58
C VAL A 175 -15.64 8.30 4.40
N ILE A 176 -15.07 7.28 3.76
CA ILE A 176 -14.15 6.36 4.39
C ILE A 176 -12.74 6.83 4.07
N GLY A 177 -12.12 7.50 5.03
CA GLY A 177 -10.77 8.04 4.86
C GLY A 177 -9.77 7.01 5.33
N ILE A 178 -8.88 6.56 4.45
CA ILE A 178 -7.94 5.48 4.76
C ILE A 178 -6.55 6.06 4.88
N SER A 179 -5.91 5.87 6.03
CA SER A 179 -4.52 6.26 6.23
C SER A 179 -3.94 5.30 7.23
N VAL A 180 -3.15 4.32 6.75
CA VAL A 180 -2.57 3.31 7.62
C VAL A 180 -1.88 3.91 8.85
N GLY A 181 -1.08 4.95 8.61
CA GLY A 181 -0.34 5.55 9.71
C GLY A 181 -1.10 6.59 10.50
N LEU A 182 -2.37 6.87 10.14
CA LEU A 182 -3.14 7.98 10.70
C LEU A 182 -2.25 9.22 10.47
N SER A 183 -1.94 9.43 9.18
CA SER A 183 -0.92 10.35 8.75
C SER A 183 -1.26 11.33 7.65
N ALA A 184 -1.94 10.89 6.61
CA ALA A 184 -2.12 11.69 5.41
C ALA A 184 -2.92 12.97 5.59
N PRO A 185 -2.30 14.14 5.35
CA PRO A 185 -3.08 15.40 5.45
C PRO A 185 -4.34 15.41 4.57
N PHE A 186 -4.26 14.80 3.37
CA PHE A 186 -5.39 14.70 2.43
C PHE A 186 -6.61 14.11 3.11
N VAL A 187 -6.39 13.06 3.93
CA VAL A 187 -7.48 12.41 4.64
C VAL A 187 -7.89 13.25 5.87
N ALA A 188 -6.93 13.81 6.64
CA ALA A 188 -7.30 14.61 7.82
C ALA A 188 -8.23 15.74 7.44
N GLY A 189 -7.93 16.44 6.35
CA GLY A 189 -8.80 17.55 5.94
C GLY A 189 -10.21 17.10 5.66
N GLN A 190 -10.34 15.96 4.97
CA GLN A 190 -11.67 15.43 4.64
C GLN A 190 -12.43 15.04 5.91
N MET A 191 -11.78 14.34 6.85
CA MET A 191 -12.48 13.93 8.08
C MET A 191 -12.96 15.15 8.86
N ASP A 192 -12.08 16.18 8.96
CA ASP A 192 -12.40 17.39 9.71
C ASP A 192 -13.58 18.13 9.09
N CYS A 193 -13.58 18.27 7.75
CA CYS A 193 -14.69 18.97 7.13
CA CYS A 193 -14.64 18.91 6.96
C CYS A 193 -15.98 18.19 7.16
N CYS A 194 -15.91 16.84 7.14
CA CYS A 194 -17.11 16.03 7.29
C CYS A 194 -17.78 16.37 8.61
N MET A 195 -16.97 16.47 9.69
CA MET A 195 -17.49 16.72 11.03
C MET A 195 -18.16 18.09 11.18
N ASN A 196 -17.88 19.00 10.24
CA ASN A 196 -18.50 20.33 10.22
C ASN A 196 -19.92 20.28 9.64
N ASN A 197 -20.32 19.14 9.02
CA ASN A 197 -21.67 18.98 8.46
C ASN A 197 -22.10 17.51 8.58
N THR A 198 -22.53 17.12 9.79
CA THR A 198 -22.97 15.76 10.07
C THR A 198 -24.39 15.50 9.57
N ALA A 199 -25.09 16.55 9.08
CA ALA A 199 -26.43 16.38 8.50
C ALA A 199 -26.24 15.65 7.16
N VAL A 200 -25.10 15.87 6.49
CA VAL A 200 -24.79 15.24 5.21
C VAL A 200 -23.75 14.14 5.33
N PHE A 201 -22.63 14.43 5.98
CA PHE A 201 -21.48 13.54 6.00
C PHE A 201 -21.34 12.64 7.20
N LEU A 202 -20.88 11.39 6.95
CA LEU A 202 -20.58 10.42 7.98
C LEU A 202 -19.13 10.00 7.73
N PRO A 203 -18.15 10.54 8.47
CA PRO A 203 -16.75 10.15 8.24
C PRO A 203 -16.35 8.94 9.05
N VAL A 204 -15.57 8.05 8.39
CA VAL A 204 -15.04 6.83 8.96
C VAL A 204 -13.54 6.84 8.68
N LEU A 205 -12.74 6.83 9.75
CA LEU A 205 -11.28 6.84 9.59
C LEU A 205 -10.78 5.42 9.76
N VAL A 206 -10.03 4.92 8.76
CA VAL A 206 -9.46 3.58 8.79
C VAL A 206 -7.95 3.71 8.85
N GLY A 207 -7.35 3.11 9.87
CA GLY A 207 -5.91 3.11 10.01
C GLY A 207 -5.47 2.10 11.04
N PHE A 208 -4.15 2.01 11.28
CA PHE A 208 -3.63 0.92 12.09
C PHE A 208 -2.68 1.33 13.18
N ASN A 209 -2.94 2.50 13.74
CA ASN A 209 -2.23 2.94 14.91
C ASN A 209 -3.27 3.29 15.96
N PRO A 210 -2.88 3.26 17.25
CA PRO A 210 -3.73 3.87 18.28
C PRO A 210 -3.84 5.39 17.94
N VAL A 211 -4.97 6.03 18.25
CA VAL A 211 -5.17 7.46 17.99
C VAL A 211 -4.03 8.30 18.58
N SER A 212 -3.54 7.94 19.79
CA SER A 212 -2.45 8.69 20.42
C SER A 212 -1.12 8.66 19.62
N MET A 213 -1.01 7.78 18.61
CA MET A 213 0.17 7.68 17.77
C MET A 213 -0.05 8.30 16.38
N ALA A 214 -1.25 8.89 16.14
CA ALA A 214 -1.53 9.60 14.89
C ALA A 214 -0.55 10.76 14.78
N ARG A 215 -0.18 11.17 13.56
CA ARG A 215 0.78 12.25 13.43
C ARG A 215 0.30 13.52 14.07
N ASN A 216 1.19 14.15 14.84
CA ASN A 216 0.86 15.41 15.51
C ASN A 216 1.80 16.53 15.06
N ASP A 217 2.50 16.35 13.92
CA ASP A 217 3.34 17.41 13.36
C ASP A 217 2.42 18.32 12.51
N PRO A 218 2.77 19.59 12.32
CA PRO A 218 1.87 20.49 11.62
C PRO A 218 1.61 20.14 10.16
N ILE A 219 0.36 20.28 9.74
CA ILE A 219 -0.03 20.15 8.34
C ILE A 219 0.17 21.55 7.75
N GLU A 220 0.89 21.63 6.64
CA GLU A 220 1.23 22.90 6.03
C GLU A 220 0.07 23.81 5.70
N ASP A 221 -1.04 23.24 5.23
CA ASP A 221 -2.20 24.06 4.86
C ASP A 221 -3.45 23.79 5.74
N TRP A 222 -3.27 23.37 6.99
CA TRP A 222 -4.41 23.11 7.87
C TRP A 222 -4.05 23.44 9.30
N SER A 223 -5.00 23.91 10.08
CA SER A 223 -4.78 24.34 11.46
C SER A 223 -4.93 23.25 12.52
N SER A 224 -5.35 22.05 12.11
CA SER A 224 -5.43 20.92 13.01
C SER A 224 -4.44 19.86 12.53
N THR A 225 -3.82 19.13 13.45
CA THR A 225 -2.94 18.02 13.07
C THR A 225 -3.82 16.78 12.84
N PHE A 226 -3.23 15.72 12.26
CA PHE A 226 -4.01 14.51 12.08
C PHE A 226 -4.53 14.00 13.45
N ARG A 227 -3.66 14.02 14.48
CA ARG A 227 -4.06 13.57 15.80
C ARG A 227 -5.22 14.38 16.36
N GLN A 228 -5.20 15.71 16.17
CA GLN A 228 -6.30 16.54 16.63
C GLN A 228 -7.60 16.17 15.91
N VAL A 229 -7.52 15.90 14.59
CA VAL A 229 -8.71 15.49 13.83
C VAL A 229 -9.23 14.14 14.35
N ALA A 230 -8.32 13.16 14.57
CA ALA A 230 -8.72 11.84 15.06
C ALA A 230 -9.34 11.93 16.47
N GLU A 231 -8.82 12.84 17.31
CA GLU A 231 -9.36 13.08 18.66
C GLU A 231 -10.77 13.65 18.57
N ARG A 232 -11.01 14.55 17.60
CA ARG A 232 -12.35 15.12 17.38
C ARG A 232 -13.31 14.00 16.90
N MET A 233 -12.81 13.07 16.08
CA MET A 233 -13.62 11.94 15.63
C MET A 233 -14.02 11.05 16.81
N GLN A 234 -13.11 10.82 17.78
CA GLN A 234 -13.43 10.01 18.96
C GLN A 234 -14.61 10.63 19.71
N LYS A 235 -14.59 11.96 19.87
CA LYS A 235 -15.65 12.69 20.54
C LYS A 235 -16.98 12.54 19.81
N MET A 236 -16.94 12.63 18.47
N MET A 236 -16.94 12.61 18.48
CA MET A 236 -18.15 12.50 17.65
CA MET A 236 -18.13 12.48 17.64
C MET A 236 -18.65 11.05 17.59
C MET A 236 -18.64 11.05 17.60
N GLN A 237 -17.75 10.06 17.77
CA GLN A 237 -18.11 8.62 17.78
C GLN A 237 -19.06 8.31 18.94
N GLU A 238 -18.95 9.08 20.05
CA GLU A 238 -19.86 8.91 21.20
C GLU A 238 -21.31 9.23 20.82
N LYS A 239 -21.51 10.03 19.76
CA LYS A 239 -22.82 10.41 19.25
C LYS A 239 -23.14 9.68 17.92
N GLN A 240 -22.31 8.67 17.55
CA GLN A 240 -22.43 7.88 16.30
C GLN A 240 -22.40 8.77 15.05
N LYS A 241 -21.66 9.91 15.12
CA LYS A 241 -21.56 10.88 14.04
C LYS A 241 -20.23 10.75 13.31
N ALA A 242 -19.32 9.91 13.82
CA ALA A 242 -18.02 9.63 13.20
C ALA A 242 -17.54 8.30 13.74
N PHE A 243 -16.64 7.62 13.03
CA PHE A 243 -16.12 6.34 13.51
C PHE A 243 -14.65 6.23 13.24
N VAL A 244 -13.90 5.72 14.24
CA VAL A 244 -12.48 5.46 14.12
C VAL A 244 -12.37 3.95 14.13
N LEU A 245 -11.97 3.39 12.99
CA LEU A 245 -11.82 1.95 12.82
C LEU A 245 -10.34 1.68 12.70
N ASN A 246 -9.69 1.48 13.85
CA ASN A 246 -8.23 1.34 13.91
C ASN A 246 -7.76 0.08 14.63
N PRO A 247 -7.94 -1.10 13.99
CA PRO A 247 -7.50 -2.34 14.63
C PRO A 247 -5.99 -2.38 14.81
N ALA A 248 -5.55 -3.17 15.78
CA ALA A 248 -4.12 -3.39 16.03
C ALA A 248 -3.68 -4.57 15.20
N ILE A 249 -2.66 -4.35 14.36
CA ILE A 249 -2.09 -5.40 13.52
C ILE A 249 -0.60 -5.59 13.74
N GLY A 250 0.04 -4.64 14.42
CA GLY A 250 1.47 -4.76 14.69
C GLY A 250 2.34 -4.21 13.56
N PRO A 251 3.65 -4.09 13.82
CA PRO A 251 4.56 -3.51 12.83
C PRO A 251 4.73 -4.35 11.57
N GLU A 252 5.14 -3.68 10.48
CA GLU A 252 5.37 -4.33 9.19
C GLU A 252 6.72 -5.07 9.20
N GLY A 253 6.84 -6.12 8.37
CA GLY A 253 8.08 -6.87 8.24
C GLY A 253 9.24 -6.03 7.74
N LEU A 254 8.93 -5.06 6.87
CA LEU A 254 9.86 -4.04 6.40
C LEU A 254 9.28 -2.78 7.02
N SER A 255 9.99 -2.18 8.00
CA SER A 255 9.48 -1.07 8.80
C SER A 255 8.83 0.02 7.98
N GLY A 256 7.57 0.32 8.30
CA GLY A 256 6.84 1.38 7.63
C GLY A 256 6.27 1.00 6.28
N SER A 257 6.39 -0.28 5.88
CA SER A 257 5.86 -0.68 4.56
C SER A 257 4.38 -0.94 4.65
N SER A 258 3.62 0.16 4.76
CA SER A 258 2.18 0.16 4.94
C SER A 258 1.42 -0.55 3.83
N ARG A 259 2.04 -0.71 2.64
CA ARG A 259 1.39 -1.41 1.52
C ARG A 259 1.15 -2.88 1.85
N MET A 260 1.92 -3.44 2.81
CA MET A 260 1.88 -4.87 3.12
C MET A 260 0.78 -5.18 4.10
N LYS A 261 1.07 -5.37 5.40
CA LYS A 261 -0.02 -5.68 6.34
C LYS A 261 -1.12 -4.61 6.36
N GLY A 262 -0.73 -3.35 6.37
CA GLY A 262 -1.71 -2.27 6.39
C GLY A 262 -2.65 -2.34 5.21
N GLY A 263 -2.11 -2.61 4.03
CA GLY A 263 -2.90 -2.71 2.81
C GLY A 263 -3.81 -3.93 2.85
N SER A 264 -3.27 -5.06 3.31
CA SER A 264 -4.07 -6.28 3.41
C SER A 264 -5.21 -6.12 4.41
N ALA A 265 -4.91 -5.53 5.59
CA ALA A 265 -5.94 -5.34 6.62
C ALA A 265 -7.00 -4.34 6.15
N THR A 266 -6.59 -3.30 5.39
CA THR A 266 -7.55 -2.34 4.85
C THR A 266 -8.52 -3.07 3.92
N LYS A 267 -7.95 -3.91 3.01
CA LYS A 267 -8.72 -4.64 2.02
C LYS A 267 -9.75 -5.54 2.69
N ILE A 268 -9.29 -6.37 3.65
CA ILE A 268 -10.23 -7.30 4.30
C ILE A 268 -11.25 -6.61 5.19
N LEU A 269 -10.84 -5.57 5.91
CA LEU A 269 -11.75 -4.88 6.83
C LEU A 269 -12.88 -4.24 6.02
N LEU A 270 -12.54 -3.55 4.93
CA LEU A 270 -13.54 -2.85 4.14
C LEU A 270 -14.39 -3.78 3.33
N GLU A 271 -13.79 -4.80 2.70
CA GLU A 271 -14.63 -5.73 1.93
C GLU A 271 -15.63 -6.42 2.85
N THR A 272 -15.21 -6.80 4.07
CA THR A 272 -16.09 -7.53 4.98
C THR A 272 -17.24 -6.65 5.43
N LEU A 273 -16.93 -5.43 5.89
CA LEU A 273 -18.03 -4.60 6.36
C LEU A 273 -18.95 -4.12 5.22
N LEU A 274 -18.38 -3.83 4.03
CA LEU A 274 -19.22 -3.37 2.94
C LEU A 274 -20.09 -4.52 2.43
N LEU A 275 -19.52 -5.74 2.35
CA LEU A 275 -20.35 -6.89 1.98
C LEU A 275 -21.51 -7.04 2.96
N ALA A 276 -21.24 -6.84 4.27
CA ALA A 276 -22.28 -6.96 5.28
C ALA A 276 -23.37 -5.90 5.06
N ALA A 277 -22.98 -4.66 4.67
CA ALA A 277 -23.96 -3.60 4.40
C ALA A 277 -24.86 -4.00 3.20
N HIS A 278 -24.24 -4.49 2.11
CA HIS A 278 -25.00 -4.91 0.94
C HIS A 278 -25.92 -6.09 1.26
N LYS A 279 -25.45 -7.05 2.07
CA LYS A 279 -26.28 -8.20 2.45
C LYS A 279 -27.49 -7.73 3.25
N THR A 280 -27.33 -6.68 4.08
CA THR A 280 -28.48 -6.16 4.84
C THR A 280 -29.57 -5.65 3.90
N VAL A 281 -29.18 -4.85 2.89
CA VAL A 281 -30.14 -4.25 1.95
CA VAL A 281 -30.17 -4.28 1.98
C VAL A 281 -30.76 -5.29 1.02
N ASP A 282 -29.94 -6.19 0.47
CA ASP A 282 -30.40 -7.17 -0.49
C ASP A 282 -31.06 -8.39 0.08
N GLN A 283 -30.53 -8.92 1.17
CA GLN A 283 -31.06 -10.15 1.76
C GLN A 283 -31.83 -9.94 3.08
N GLY A 284 -31.74 -8.74 3.66
CA GLY A 284 -32.44 -8.42 4.90
C GLY A 284 -31.80 -8.98 6.15
N ILE A 285 -30.52 -9.41 6.06
CA ILE A 285 -29.79 -9.95 7.19
C ILE A 285 -28.90 -8.84 7.72
N ALA A 286 -29.15 -8.35 8.94
CA ALA A 286 -28.36 -7.28 9.54
C ALA A 286 -26.95 -7.77 9.85
N ALA A 287 -25.97 -6.84 9.81
CA ALA A 287 -24.58 -7.20 10.11
C ALA A 287 -24.42 -7.71 11.53
N SER A 288 -23.50 -8.64 11.75
CA SER A 288 -23.24 -9.17 13.07
C SER A 288 -21.81 -9.54 13.24
N GLN A 289 -21.35 -9.56 14.49
CA GLN A 289 -19.98 -10.01 14.80
C GLN A 289 -19.75 -11.43 14.27
N ARG A 290 -20.74 -12.34 14.44
CA ARG A 290 -20.64 -13.72 14.02
C ARG A 290 -20.38 -13.82 12.53
N CYS A 291 -21.17 -13.10 11.72
N CYS A 291 -21.18 -13.12 11.73
CA CYS A 291 -21.06 -13.13 10.27
CA CYS A 291 -21.02 -13.18 10.30
C CYS A 291 -19.85 -12.39 9.70
C CYS A 291 -19.73 -12.52 9.83
N LEU A 292 -19.37 -11.36 10.41
CA LEU A 292 -18.14 -10.64 10.01
C LEU A 292 -16.96 -11.58 10.24
N LEU A 293 -16.98 -12.33 11.35
CA LEU A 293 -15.90 -13.27 11.63
C LEU A 293 -15.85 -14.41 10.65
N GLU A 294 -17.02 -14.91 10.18
CA GLU A 294 -17.04 -16.00 9.21
C GLU A 294 -16.33 -15.57 7.93
N ILE A 295 -16.50 -14.29 7.55
CA ILE A 295 -15.86 -13.77 6.34
C ILE A 295 -14.38 -13.53 6.58
N LEU A 296 -14.05 -12.87 7.70
CA LEU A 296 -12.65 -12.60 8.03
C LEU A 296 -11.84 -13.88 8.11
N ARG A 297 -12.42 -14.95 8.73
CA ARG A 297 -11.74 -16.24 8.82
C ARG A 297 -11.57 -16.92 7.47
N THR A 298 -12.41 -16.57 6.45
CA THR A 298 -12.22 -17.09 5.12
C THR A 298 -10.94 -16.49 4.55
N PHE A 299 -10.73 -15.17 4.77
CA PHE A 299 -9.49 -14.54 4.33
C PHE A 299 -8.30 -15.10 5.11
N GLU A 300 -8.49 -15.45 6.40
CA GLU A 300 -7.41 -16.06 7.17
C GLU A 300 -7.01 -17.39 6.52
N ARG A 301 -8.00 -18.20 6.11
CA ARG A 301 -7.70 -19.46 5.44
C ARG A 301 -6.95 -19.24 4.12
N ALA A 302 -7.21 -18.12 3.43
CA ALA A 302 -6.54 -17.79 2.17
C ALA A 302 -5.04 -17.62 2.39
N HIS A 303 -4.63 -17.27 3.62
CA HIS A 303 -3.20 -17.11 3.91
C HIS A 303 -2.48 -18.44 3.84
N GLN A 304 -3.06 -19.48 4.47
CA GLN A 304 -2.50 -20.83 4.44
C GLN A 304 -2.47 -21.35 2.99
N VAL A 305 -3.56 -21.14 2.24
CA VAL A 305 -3.66 -21.58 0.85
C VAL A 305 -2.52 -20.94 0.03
N THR A 306 -2.31 -19.64 0.25
CA THR A 306 -1.29 -18.91 -0.51
C THR A 306 0.14 -19.33 -0.15
N TYR A 307 0.46 -19.30 1.14
CA TYR A 307 1.80 -19.59 1.60
C TYR A 307 2.19 -21.06 1.58
N SER A 308 1.24 -21.92 1.20
CA SER A 308 1.56 -23.33 0.95
C SER A 308 2.44 -23.39 -0.33
N GLN A 309 2.44 -22.30 -1.14
CA GLN A 309 3.25 -22.17 -2.35
C GLN A 309 4.58 -21.45 -2.07
N SER A 310 5.01 -21.38 -0.79
CA SER A 310 6.25 -20.70 -0.43
C SER A 310 7.47 -21.10 -1.27
N PRO A 311 7.71 -22.40 -1.58
CA PRO A 311 8.89 -22.74 -2.40
C PRO A 311 8.90 -22.04 -3.77
N LYS A 312 7.76 -22.03 -4.44
CA LYS A 312 7.63 -21.41 -5.76
C LYS A 312 7.66 -19.89 -5.67
N ILE A 313 7.11 -19.32 -4.58
CA ILE A 313 7.18 -17.87 -4.38
C ILE A 313 8.66 -17.47 -4.25
N ALA A 314 9.46 -18.26 -3.50
CA ALA A 314 10.89 -17.94 -3.36
C ALA A 314 11.60 -18.07 -4.72
N THR A 315 11.26 -19.09 -5.54
CA THR A 315 11.89 -19.26 -6.85
C THR A 315 11.57 -18.04 -7.75
N LEU A 316 10.31 -17.57 -7.73
CA LEU A 316 9.92 -16.41 -8.51
C LEU A 316 10.66 -15.16 -8.05
N MET A 317 10.77 -14.99 -6.72
CA MET A 317 11.49 -13.86 -6.15
C MET A 317 12.93 -13.80 -6.72
N LYS A 318 13.59 -14.97 -6.83
CA LYS A 318 14.95 -15.04 -7.37
C LYS A 318 14.99 -14.68 -8.84
N SER A 319 13.98 -15.12 -9.63
CA SER A 319 13.86 -14.83 -11.06
C SER A 319 13.75 -13.32 -11.28
N VAL A 320 12.86 -12.68 -10.49
CA VAL A 320 12.65 -11.24 -10.59
C VAL A 320 13.92 -10.50 -10.18
N SER A 321 14.56 -10.94 -9.09
CA SER A 321 15.77 -10.28 -8.63
C SER A 321 16.89 -10.38 -9.68
N THR A 322 17.01 -11.53 -10.38
CA THR A 322 18.02 -11.69 -11.44
C THR A 322 17.76 -10.69 -12.57
N SER A 323 16.49 -10.52 -12.99
CA SER A 323 16.20 -9.56 -14.04
C SER A 323 16.61 -8.16 -13.59
N LEU A 324 16.21 -7.75 -12.38
CA LEU A 324 16.58 -6.43 -11.87
C LEU A 324 18.09 -6.22 -11.76
N GLU A 325 18.81 -7.25 -11.28
CA GLU A 325 20.27 -7.16 -11.11
C GLU A 325 20.98 -6.95 -12.47
N THR A 326 20.39 -7.52 -13.55
N THR A 326 20.38 -7.50 -13.52
CA THR A 326 20.94 -7.46 -14.90
CA THR A 326 20.94 -7.43 -14.87
C THR A 326 20.50 -6.24 -15.70
C THR A 326 20.51 -6.20 -15.69
CA THR A 327 19.18 -4.09 -15.63
C THR A 327 17.95 -4.37 -16.52
N GLY A 328 17.35 -5.54 -16.31
CA GLY A 328 16.14 -5.95 -16.97
C GLY A 328 14.93 -5.36 -16.27
N HIS A 329 13.77 -5.54 -16.87
CA HIS A 329 12.53 -5.01 -16.30
C HIS A 329 11.61 -6.16 -15.98
N VAL A 330 10.66 -5.92 -15.08
CA VAL A 330 9.74 -6.94 -14.61
C VAL A 330 8.32 -6.46 -14.82
N TYR A 331 7.52 -7.27 -15.52
CA TYR A 331 6.16 -6.91 -15.83
C TYR A 331 5.19 -7.86 -15.20
N LEU A 332 4.19 -7.32 -14.52
CA LEU A 332 3.19 -8.12 -13.81
C LEU A 332 1.91 -7.92 -14.55
N VAL A 333 1.51 -8.94 -15.32
CA VAL A 333 0.38 -8.85 -16.22
C VAL A 333 -0.78 -9.62 -15.65
N GLY A 334 -1.74 -8.87 -15.11
CA GLY A 334 -2.90 -9.46 -14.44
C GLY A 334 -4.20 -9.27 -15.17
N TRP A 335 -5.04 -10.29 -15.17
CA TRP A 335 -6.33 -10.25 -15.82
C TRP A 335 -7.40 -9.68 -14.91
N GLN A 336 -8.23 -8.80 -15.47
CA GLN A 336 -9.35 -8.20 -14.75
C GLN A 336 -8.85 -7.53 -13.46
N THR A 337 -9.53 -7.71 -12.31
CA THR A 337 -9.10 -7.03 -11.09
C THR A 337 -7.74 -7.49 -10.59
N LEU A 338 -7.25 -8.67 -11.03
CA LEU A 338 -5.91 -9.08 -10.62
C LEU A 338 -4.88 -8.13 -11.25
N GLY A 339 -5.27 -7.45 -12.33
CA GLY A 339 -4.43 -6.42 -12.95
C GLY A 339 -4.28 -5.20 -12.06
N ILE A 340 -5.34 -4.85 -11.29
CA ILE A 340 -5.27 -3.73 -10.33
C ILE A 340 -4.26 -4.10 -9.24
N ILE A 341 -4.31 -5.35 -8.75
CA ILE A 341 -3.35 -5.80 -7.75
C ILE A 341 -1.93 -5.73 -8.30
N ALA A 342 -1.74 -6.12 -9.59
CA ALA A 342 -0.44 -6.06 -10.24
C ALA A 342 0.05 -4.61 -10.31
N ILE A 343 -0.84 -3.67 -10.75
CA ILE A 343 -0.44 -2.26 -10.83
C ILE A 343 -0.02 -1.75 -9.44
N MET A 344 -0.77 -2.11 -8.40
CA MET A 344 -0.48 -1.67 -7.02
C MET A 344 0.87 -2.11 -6.56
N ASP A 345 1.33 -3.29 -7.02
CA ASP A 345 2.63 -3.79 -6.58
C ASP A 345 3.83 -3.03 -7.14
N GLY A 346 3.88 -2.86 -8.45
CA GLY A 346 5.04 -2.27 -9.10
C GLY A 346 5.35 -0.86 -8.65
N VAL A 347 4.32 -0.02 -8.65
CA VAL A 347 4.47 1.39 -8.31
C VAL A 347 5.11 1.68 -6.93
N GLU A 348 4.84 0.82 -5.97
CA GLU A 348 5.41 1.03 -4.65
C GLU A 348 6.89 0.78 -4.55
N CYS A 349 7.45 0.07 -5.53
CA CYS A 349 8.89 -0.18 -5.52
C CYS A 349 9.69 1.10 -5.69
N ILE A 350 9.09 2.10 -6.37
CA ILE A 350 9.77 3.35 -6.67
C ILE A 350 10.23 4.04 -5.38
N HIS A 351 9.31 4.33 -4.47
CA HIS A 351 9.73 5.00 -3.25
C HIS A 351 10.35 4.04 -2.24
N THR A 352 9.86 2.79 -2.19
CA THR A 352 10.32 1.88 -1.15
C THR A 352 11.79 1.51 -1.28
N PHE A 353 12.23 1.26 -2.53
CA PHE A 353 13.56 0.75 -2.80
C PHE A 353 14.36 1.63 -3.71
N GLY A 354 13.82 2.80 -4.07
CA GLY A 354 14.52 3.68 -4.99
C GLY A 354 14.53 3.13 -6.40
N ALA A 355 13.54 2.29 -6.73
CA ALA A 355 13.45 1.73 -8.08
C ALA A 355 13.09 2.83 -9.07
N ASP A 356 13.42 2.59 -10.34
CA ASP A 356 13.02 3.48 -11.41
C ASP A 356 11.59 3.08 -11.79
N PHE A 357 10.79 4.02 -12.34
CA PHE A 357 9.43 3.67 -12.75
C PHE A 357 9.39 2.54 -13.80
N ARG A 358 10.51 2.36 -14.54
CA ARG A 358 10.58 1.32 -15.56
C ARG A 358 10.83 -0.08 -14.99
N ASP A 359 11.29 -0.21 -13.74
CA ASP A 359 11.72 -1.49 -13.19
C ASP A 359 10.66 -2.56 -13.00
N VAL A 360 9.57 -2.22 -12.27
CA VAL A 360 8.52 -3.21 -12.01
C VAL A 360 7.21 -2.51 -12.32
N ARG A 361 6.49 -3.00 -13.35
CA ARG A 361 5.25 -2.37 -13.74
C ARG A 361 4.15 -3.40 -13.88
N GLY A 362 2.98 -3.09 -13.33
CA GLY A 362 1.79 -3.91 -13.48
C GLY A 362 0.92 -3.46 -14.63
N PHE A 363 0.18 -4.42 -15.21
CA PHE A 363 -0.74 -4.17 -16.34
C PHE A 363 -2.03 -4.91 -16.12
N LEU A 364 -3.12 -4.34 -16.62
CA LEU A 364 -4.44 -4.91 -16.49
C LEU A 364 -4.90 -5.36 -17.87
N ILE A 365 -5.15 -6.67 -18.03
CA ILE A 365 -5.71 -7.21 -19.27
C ILE A 365 -7.21 -7.36 -19.05
N GLY A 366 -7.98 -6.78 -19.95
CA GLY A 366 -9.42 -6.82 -19.87
C GLY A 366 -10.05 -5.44 -19.84
N ASP A 367 -11.32 -5.40 -19.48
CA ASP A 367 -12.13 -4.19 -19.44
C ASP A 367 -11.85 -3.34 -18.22
N HIS A 368 -11.53 -2.05 -18.45
CA HIS A 368 -11.31 -1.09 -17.36
C HIS A 368 -12.20 0.16 -17.54
N SER A 369 -13.19 0.11 -18.47
CA SER A 369 -14.06 1.24 -18.86
C SER A 369 -14.89 1.95 -17.79
N ASP A 370 -15.28 1.25 -16.73
CA ASP A 370 -16.12 1.84 -15.68
C ASP A 370 -15.32 2.10 -14.39
N MET A 371 -14.00 1.97 -14.46
CA MET A 371 -13.16 2.04 -13.26
C MET A 371 -12.66 3.41 -12.90
N PHE A 372 -12.17 4.16 -13.89
CA PHE A 372 -11.55 5.47 -13.69
C PHE A 372 -12.52 6.61 -13.85
N ASN A 373 -12.43 7.62 -12.97
CA ASN A 373 -13.34 8.76 -13.06
C ASN A 373 -12.84 9.85 -13.98
N GLN A 374 -11.51 9.89 -14.25
CA GLN A 374 -10.89 10.90 -15.11
C GLN A 374 -9.80 10.24 -15.95
N LYS A 375 -10.17 9.29 -16.82
CA LYS A 375 -9.19 8.57 -17.61
C LYS A 375 -8.38 9.43 -18.59
N ALA A 376 -8.86 10.66 -18.88
CA ALA A 376 -8.19 11.65 -19.72
C ALA A 376 -6.86 12.08 -19.08
N GLU A 377 -6.78 12.01 -17.72
CA GLU A 377 -5.57 12.31 -16.96
C GLU A 377 -4.48 11.25 -17.25
N LEU A 378 -4.86 10.08 -17.84
CA LEU A 378 -3.95 8.97 -18.12
C LEU A 378 -3.59 8.77 -19.60
N THR A 379 -4.55 8.99 -20.50
CA THR A 379 -4.42 8.80 -21.95
C THR A 379 -3.30 9.62 -22.57
N ASN A 380 -2.32 8.94 -23.19
CA ASN A 380 -1.14 9.50 -23.87
C ASN A 380 -0.39 10.55 -23.01
N GLN A 381 -0.13 10.20 -21.75
CA GLN A 381 0.53 11.08 -20.78
C GLN A 381 2.03 10.81 -20.60
N GLY A 382 2.50 9.68 -21.11
CA GLY A 382 3.91 9.33 -20.96
C GLY A 382 4.15 7.92 -20.44
N PRO A 383 5.41 7.45 -20.55
CA PRO A 383 5.74 6.08 -20.11
C PRO A 383 5.49 5.77 -18.64
N GLN A 384 5.43 6.78 -17.78
CA GLN A 384 5.22 6.57 -16.35
C GLN A 384 3.77 6.20 -16.07
N PHE A 385 2.89 6.37 -17.07
CA PHE A 385 1.46 6.17 -16.89
C PHE A 385 0.83 5.00 -17.62
N THR A 386 1.67 4.10 -18.18
CA THR A 386 1.17 2.91 -18.87
C THR A 386 0.58 1.92 -17.86
N PHE A 387 -0.48 1.21 -18.26
CA PHE A 387 -1.13 0.21 -17.40
C PHE A 387 -2.07 -0.71 -18.14
N SER A 388 -2.60 -0.30 -19.32
CA SER A 388 -3.65 -1.06 -19.99
C SER A 388 -3.19 -2.18 -20.86
N GLN A 389 -4.14 -2.97 -21.37
CA GLN A 389 -3.90 -4.05 -22.30
C GLN A 389 -3.28 -3.46 -23.58
N GLU A 390 -3.82 -2.33 -24.07
CA GLU A 390 -3.26 -1.66 -25.25
C GLU A 390 -1.84 -1.17 -24.97
N ASP A 391 -1.58 -0.59 -23.77
CA ASP A 391 -0.24 -0.12 -23.42
C ASP A 391 0.75 -1.30 -23.41
N PHE A 392 0.34 -2.43 -22.82
CA PHE A 392 1.25 -3.57 -22.77
C PHE A 392 1.56 -4.08 -24.16
N LEU A 393 0.51 -4.30 -24.98
CA LEU A 393 0.70 -4.88 -26.31
C LEU A 393 1.39 -3.95 -27.31
N THR A 394 1.15 -2.63 -27.22
CA THR A 394 1.74 -1.69 -28.18
C THR A 394 3.03 -1.03 -27.75
N SER A 395 3.22 -0.79 -26.43
CA SER A 395 4.42 -0.10 -25.95
C SER A 395 5.44 -0.98 -25.27
N ILE A 396 4.98 -2.01 -24.53
CA ILE A 396 5.92 -2.85 -23.78
C ILE A 396 6.39 -4.05 -24.58
N LEU A 397 5.44 -4.85 -25.05
CA LEU A 397 5.74 -6.08 -25.79
C LEU A 397 6.77 -5.91 -26.92
N PRO A 398 6.64 -4.92 -27.83
CA PRO A 398 7.64 -4.79 -28.91
C PRO A 398 9.07 -4.51 -28.47
N SER A 399 9.26 -3.98 -27.24
CA SER A 399 10.59 -3.65 -26.71
C SER A 399 11.09 -4.65 -25.64
N LEU A 400 10.35 -5.74 -25.38
CA LEU A 400 10.80 -6.74 -24.40
C LEU A 400 12.09 -7.39 -24.87
N THR A 401 13.01 -7.64 -23.93
CA THR A 401 14.26 -8.33 -24.26
C THR A 401 14.41 -9.59 -23.41
N GLU A 402 15.42 -10.40 -23.73
CA GLU A 402 15.70 -11.67 -23.09
C GLU A 402 16.05 -11.59 -21.61
N ILE A 403 16.38 -10.38 -21.12
CA ILE A 403 16.70 -10.20 -19.69
C ILE A 403 15.47 -9.81 -18.86
N ASP A 404 14.32 -9.57 -19.51
CA ASP A 404 13.09 -9.17 -18.82
C ASP A 404 12.35 -10.37 -18.29
N THR A 405 11.56 -10.15 -17.21
CA THR A 405 10.71 -11.19 -16.62
C THR A 405 9.27 -10.74 -16.76
N VAL A 406 8.38 -11.65 -17.15
CA VAL A 406 6.95 -11.34 -17.21
C VAL A 406 6.23 -12.38 -16.37
N VAL A 407 5.41 -11.91 -15.40
CA VAL A 407 4.60 -12.75 -14.53
C VAL A 407 3.16 -12.55 -14.99
N PHE A 408 2.43 -13.65 -15.27
CA PHE A 408 1.04 -13.59 -15.72
C PHE A 408 0.17 -14.04 -14.59
N ILE A 409 -0.85 -13.25 -14.25
CA ILE A 409 -1.74 -13.60 -13.15
C ILE A 409 -3.16 -13.66 -13.69
N PHE A 410 -3.81 -14.83 -13.53
CA PHE A 410 -5.15 -15.01 -14.08
C PHE A 410 -5.88 -16.09 -13.32
N THR A 411 -7.17 -16.28 -13.64
CA THR A 411 -7.93 -17.37 -13.07
C THR A 411 -8.35 -18.28 -14.20
N LEU A 412 -8.84 -19.50 -13.85
CA LEU A 412 -9.30 -20.41 -14.89
C LEU A 412 -10.66 -20.03 -15.46
N ASP A 413 -11.24 -18.91 -14.96
CA ASP A 413 -12.49 -18.37 -15.50
C ASP A 413 -12.18 -17.24 -16.50
N ASP A 414 -10.91 -16.90 -16.68
CA ASP A 414 -10.52 -15.88 -17.64
C ASP A 414 -10.51 -16.43 -19.06
N ASN A 415 -10.31 -15.55 -20.04
CA ASN A 415 -10.24 -15.96 -21.44
C ASN A 415 -8.85 -16.59 -21.64
N LEU A 416 -8.78 -17.92 -21.51
CA LEU A 416 -7.53 -18.66 -21.60
C LEU A 416 -6.89 -18.74 -22.98
N THR A 417 -7.68 -18.46 -24.04
CA THR A 417 -7.15 -18.36 -25.40
C THR A 417 -6.31 -17.07 -25.47
N GLU A 418 -6.84 -15.95 -24.90
CA GLU A 418 -6.16 -14.66 -24.85
C GLU A 418 -4.91 -14.79 -23.98
N VAL A 419 -5.02 -15.50 -22.82
CA VAL A 419 -3.84 -15.72 -21.95
C VAL A 419 -2.76 -16.41 -22.79
N GLN A 420 -3.12 -17.52 -23.45
CA GLN A 420 -2.16 -18.29 -24.24
C GLN A 420 -1.53 -17.44 -25.37
N THR A 421 -2.34 -16.63 -26.07
CA THR A 421 -1.86 -15.78 -27.17
C THR A 421 -0.81 -14.78 -26.69
N ILE A 422 -1.10 -14.07 -25.60
CA ILE A 422 -0.18 -13.07 -25.07
C ILE A 422 1.06 -13.74 -24.52
N VAL A 423 0.91 -14.89 -23.83
CA VAL A 423 2.08 -15.62 -23.29
C VAL A 423 3.02 -16.04 -24.43
N GLU A 424 2.46 -16.59 -25.53
CA GLU A 424 3.26 -17.00 -26.68
C GLU A 424 4.00 -15.80 -27.32
N GLN A 425 3.34 -14.62 -27.39
CA GLN A 425 3.98 -13.41 -27.94
C GLN A 425 5.17 -12.99 -27.06
N VAL A 426 5.00 -13.04 -25.73
CA VAL A 426 6.07 -12.70 -24.79
C VAL A 426 7.20 -13.73 -24.83
N LYS A 427 6.86 -15.02 -24.93
CA LYS A 427 7.82 -16.12 -24.96
C LYS A 427 8.81 -15.98 -26.13
N GLU A 428 8.38 -15.35 -27.24
CA GLU A 428 9.25 -15.10 -28.41
C GLU A 428 10.38 -14.14 -28.04
N LYS A 429 10.16 -13.30 -27.01
CA LYS A 429 11.14 -12.29 -26.57
C LYS A 429 11.95 -12.70 -25.36
N THR A 430 11.35 -13.47 -24.42
CA THR A 430 12.05 -13.87 -23.21
C THR A 430 11.57 -15.23 -22.72
N ASN A 431 12.51 -16.00 -22.14
CA ASN A 431 12.17 -17.28 -21.53
C ASN A 431 11.74 -17.08 -20.07
N HIS A 432 11.99 -15.88 -19.52
CA HIS A 432 11.72 -15.62 -18.10
C HIS A 432 10.27 -15.29 -17.88
N ILE A 433 9.43 -16.33 -17.97
CA ILE A 433 7.99 -16.18 -17.78
C ILE A 433 7.57 -17.11 -16.66
N GLN A 434 6.53 -16.69 -15.93
N GLN A 434 6.54 -16.69 -15.93
CA GLN A 434 5.94 -17.49 -14.89
CA GLN A 434 5.95 -17.48 -14.86
C GLN A 434 4.49 -17.07 -14.76
C GLN A 434 4.50 -17.05 -14.72
N ALA A 435 3.65 -17.94 -14.19
CA ALA A 435 2.27 -17.62 -13.98
C ALA A 435 1.83 -17.97 -12.59
N LEU A 436 0.86 -17.20 -12.11
CA LEU A 436 0.13 -17.42 -10.88
C LEU A 436 -1.30 -17.61 -11.37
N ALA A 437 -1.79 -18.85 -11.29
CA ALA A 437 -3.13 -19.18 -11.77
C ALA A 437 -4.02 -19.64 -10.64
N HIS A 438 -5.15 -18.96 -10.48
CA HIS A 438 -6.15 -19.30 -9.47
C HIS A 438 -7.22 -20.16 -10.10
N SER A 439 -7.61 -21.23 -9.43
CA SER A 439 -8.66 -22.10 -9.95
C SER A 439 -9.61 -22.48 -8.85
N THR A 440 -10.80 -22.94 -9.24
CA THR A 440 -11.74 -23.52 -8.30
C THR A 440 -11.48 -25.02 -8.37
N VAL A 441 -11.48 -25.69 -7.21
CA VAL A 441 -11.32 -27.16 -7.13
C VAL A 441 -12.24 -27.78 -8.20
N GLY A 442 -11.66 -28.65 -9.04
CA GLY A 442 -12.38 -29.27 -10.15
C GLY A 442 -11.84 -28.84 -11.50
N GLN A 443 -11.43 -27.56 -11.61
CA GLN A 443 -10.90 -27.05 -12.89
C GLN A 443 -9.44 -27.43 -13.06
N THR A 444 -9.00 -27.57 -14.31
CA THR A 444 -7.60 -27.86 -14.60
C THR A 444 -7.16 -26.92 -15.70
N LEU A 445 -5.88 -26.56 -15.66
CA LEU A 445 -5.29 -25.64 -16.62
C LEU A 445 -5.22 -26.30 -17.99
N PRO A 446 -5.61 -25.60 -19.08
CA PRO A 446 -5.50 -26.21 -20.43
C PRO A 446 -4.10 -26.74 -20.69
N ILE A 447 -4.01 -27.85 -21.41
CA ILE A 447 -2.73 -28.50 -21.74
C ILE A 447 -1.72 -27.51 -22.34
N PRO A 448 -2.09 -26.63 -23.31
CA PRO A 448 -1.07 -25.70 -23.85
C PRO A 448 -0.48 -24.78 -22.80
N LEU A 449 -1.28 -24.40 -21.79
CA LEU A 449 -0.77 -23.55 -20.71
C LEU A 449 0.09 -24.33 -19.72
N LYS A 450 -0.21 -25.64 -19.49
CA LYS A 450 0.62 -26.49 -18.66
C LYS A 450 2.00 -26.62 -19.32
N LYS A 451 2.04 -26.74 -20.66
CA LYS A 451 3.31 -26.87 -21.39
C LYS A 451 4.11 -25.56 -21.38
N LEU A 452 3.41 -24.40 -21.46
CA LEU A 452 4.09 -23.10 -21.42
C LEU A 452 4.62 -22.77 -20.01
N PHE A 453 3.91 -23.25 -18.98
CA PHE A 453 4.26 -23.02 -17.58
C PHE A 453 4.42 -24.35 -16.83
N PRO A 454 5.54 -25.08 -17.06
CA PRO A 454 5.73 -26.37 -16.37
C PRO A 454 5.96 -26.27 -14.86
N SER A 455 6.22 -25.05 -14.33
CA SER A 455 6.39 -24.88 -12.91
C SER A 455 5.40 -23.82 -12.39
N ILE A 456 4.22 -23.71 -13.05
CA ILE A 456 3.18 -22.72 -12.68
C ILE A 456 2.85 -22.71 -11.20
N ILE A 457 2.59 -21.51 -10.67
CA ILE A 457 2.15 -21.40 -9.29
C ILE A 457 0.64 -21.54 -9.35
N SER A 458 0.13 -22.75 -9.04
CA SER A 458 -1.27 -23.08 -9.11
C SER A 458 -1.89 -22.99 -7.74
N ILE A 459 -2.85 -22.09 -7.58
CA ILE A 459 -3.52 -21.96 -6.28
C ILE A 459 -4.96 -22.37 -6.48
N THR A 460 -5.35 -23.47 -5.82
CA THR A 460 -6.66 -24.06 -5.95
C THR A 460 -7.51 -23.68 -4.74
N TRP A 461 -8.74 -23.29 -5.03
CA TRP A 461 -9.67 -22.82 -4.01
C TRP A 461 -10.90 -23.67 -3.92
N PRO A 462 -11.28 -24.10 -2.70
CA PRO A 462 -12.56 -24.81 -2.57
C PRO A 462 -13.72 -23.84 -2.87
N LEU A 463 -14.86 -24.39 -3.28
CA LEU A 463 -16.05 -23.56 -3.52
C LEU A 463 -16.52 -23.03 -2.17
N LEU A 464 -17.08 -21.83 -2.18
CA LEU A 464 -17.65 -21.21 -1.00
C LEU A 464 -19.15 -21.26 -1.20
N PHE A 465 -19.88 -21.50 -0.11
CA PHE A 465 -21.34 -21.64 -0.18
C PHE A 465 -22.12 -20.55 0.53
N PHE A 466 -21.47 -19.38 0.77
CA PHE A 466 -22.17 -18.24 1.34
C PHE A 466 -23.17 -17.82 0.26
N GLU A 467 -24.47 -17.93 0.55
CA GLU A 467 -25.51 -17.64 -0.43
C GLU A 467 -25.36 -16.30 -1.11
N TYR A 468 -25.19 -15.24 -0.32
CA TYR A 468 -25.08 -13.89 -0.86
C TYR A 468 -23.67 -13.54 -1.31
N GLU A 469 -22.70 -13.71 -0.42
CA GLU A 469 -21.34 -13.26 -0.62
C GLU A 469 -20.31 -14.22 -1.22
N GLY A 470 -20.67 -15.48 -1.42
CA GLY A 470 -19.76 -16.49 -1.97
C GLY A 470 -18.93 -16.09 -3.17
N ASN A 471 -19.57 -15.67 -4.27
CA ASN A 471 -18.83 -15.32 -5.49
C ASN A 471 -17.92 -14.11 -5.31
N PHE A 472 -18.37 -13.14 -4.50
CA PHE A 472 -17.58 -11.94 -4.23
C PHE A 472 -16.37 -12.28 -3.39
N ILE A 473 -16.56 -13.11 -2.35
CA ILE A 473 -15.45 -13.52 -1.51
C ILE A 473 -14.45 -14.34 -2.31
N GLN A 474 -14.94 -15.19 -3.23
CA GLN A 474 -14.05 -15.99 -4.08
C GLN A 474 -13.12 -15.05 -4.86
N LYS A 475 -13.65 -13.97 -5.44
CA LYS A 475 -12.85 -13.00 -6.18
C LYS A 475 -11.90 -12.29 -5.23
N PHE A 476 -12.43 -11.80 -4.10
CA PHE A 476 -11.62 -11.02 -3.17
C PHE A 476 -10.47 -11.80 -2.59
N GLN A 477 -10.69 -13.08 -2.24
CA GLN A 477 -9.59 -13.86 -1.69
C GLN A 477 -8.49 -14.12 -2.71
N ARG A 478 -8.85 -14.24 -4.00
CA ARG A 478 -7.87 -14.44 -5.07
C ARG A 478 -7.06 -13.15 -5.25
N GLU A 479 -7.73 -11.98 -5.11
CA GLU A 479 -7.02 -10.70 -5.20
C GLU A 479 -6.04 -10.58 -4.02
N LEU A 480 -6.49 -10.97 -2.80
CA LEU A 480 -5.63 -10.90 -1.61
C LEU A 480 -4.44 -11.85 -1.72
N SER A 481 -4.71 -13.07 -2.21
CA SER A 481 -3.67 -14.07 -2.42
C SER A 481 -2.62 -13.52 -3.41
N THR A 482 -3.08 -12.92 -4.52
CA THR A 482 -2.20 -12.32 -5.52
C THR A 482 -1.38 -11.20 -4.87
N LYS A 483 -2.04 -10.36 -4.06
CA LYS A 483 -1.32 -9.26 -3.38
C LYS A 483 -0.20 -9.80 -2.50
N TRP A 484 -0.46 -10.85 -1.71
CA TRP A 484 0.57 -11.41 -0.86
C TRP A 484 1.73 -11.95 -1.70
N VAL A 485 1.44 -12.70 -2.77
CA VAL A 485 2.51 -13.24 -3.60
C VAL A 485 3.32 -12.11 -4.22
N LEU A 486 2.64 -11.16 -4.88
CA LEU A 486 3.40 -10.11 -5.58
C LEU A 486 4.16 -9.23 -4.61
N ASN A 487 3.57 -8.87 -3.45
CA ASN A 487 4.27 -7.99 -2.51
C ASN A 487 5.48 -8.69 -1.89
N THR A 488 5.38 -9.99 -1.65
CA THR A 488 6.51 -10.75 -1.10
C THR A 488 7.60 -10.87 -2.18
N VAL A 489 7.21 -11.13 -3.45
CA VAL A 489 8.19 -11.25 -4.53
C VAL A 489 8.89 -9.93 -4.78
N SER A 490 8.14 -8.81 -4.89
CA SER A 490 8.80 -7.53 -5.18
C SER A 490 9.64 -7.04 -4.01
N THR A 491 9.14 -7.21 -2.77
CA THR A 491 9.94 -6.82 -1.61
C THR A 491 11.22 -7.66 -1.55
N GLY A 492 11.07 -8.98 -1.61
CA GLY A 492 12.21 -9.88 -1.52
C GLY A 492 13.22 -9.65 -2.62
N ALA A 493 12.74 -9.43 -3.86
CA ALA A 493 13.67 -9.24 -4.97
C ALA A 493 14.60 -8.05 -4.72
N HIS A 494 14.08 -6.97 -4.11
CA HIS A 494 14.89 -5.80 -3.81
C HIS A 494 15.76 -6.01 -2.56
N VAL A 495 15.27 -6.74 -1.55
CA VAL A 495 16.05 -7.08 -0.35
C VAL A 495 17.29 -7.87 -0.79
N LEU A 496 17.12 -8.84 -1.71
CA LEU A 496 18.23 -9.67 -2.19
C LEU A 496 19.32 -8.83 -2.86
N LEU A 497 18.96 -7.62 -3.35
CA LEU A 497 19.90 -6.73 -4.03
C LEU A 497 20.58 -5.74 -3.08
N GLY A 498 20.38 -5.91 -1.77
CA GLY A 498 21.03 -5.06 -0.78
C GLY A 498 20.44 -3.67 -0.65
N LYS A 499 19.11 -3.56 -0.87
CA LYS A 499 18.42 -2.27 -0.84
C LYS A 499 17.79 -1.87 0.50
N ILE A 500 18.00 -2.69 1.55
CA ILE A 500 17.48 -2.38 2.88
C ILE A 500 18.62 -2.55 3.91
N LEU A 501 18.37 -2.18 5.16
CA LEU A 501 19.35 -2.35 6.25
C LEU A 501 18.54 -2.85 7.46
N GLN A 502 18.92 -4.03 7.99
CA GLN A 502 18.17 -4.72 9.06
C GLN A 502 16.75 -4.91 8.50
N ASN A 503 15.73 -4.19 9.03
CA ASN A 503 14.38 -4.24 8.43
C ASN A 503 13.91 -2.79 8.18
N HIS A 504 14.85 -1.90 7.76
CA HIS A 504 14.55 -0.51 7.44
C HIS A 504 14.84 -0.20 5.98
N MET A 505 14.06 0.72 5.43
CA MET A 505 14.12 1.12 4.02
C MET A 505 15.27 2.07 3.77
N LEU A 506 16.49 1.55 3.79
CA LEU A 506 17.68 2.38 3.56
C LEU A 506 17.65 3.15 2.23
N ASP A 507 17.10 2.54 1.18
CA ASP A 507 17.08 3.15 -0.15
C ASP A 507 15.80 3.92 -0.49
N LEU A 508 15.05 4.33 0.54
CA LEU A 508 13.84 5.10 0.41
C LEU A 508 14.01 6.37 -0.44
N ARG A 509 12.95 6.73 -1.19
CA ARG A 509 12.87 8.05 -1.83
C ARG A 509 11.95 8.86 -0.92
N ILE A 510 12.38 10.05 -0.52
CA ILE A 510 11.61 10.93 0.36
C ILE A 510 10.56 11.61 -0.52
N SER A 511 9.42 10.93 -0.68
CA SER A 511 8.36 11.33 -1.59
C SER A 511 7.18 12.04 -0.98
N ASN A 512 7.10 12.07 0.35
CA ASN A 512 6.10 12.84 1.09
C ASN A 512 6.60 13.12 2.50
N SER A 513 5.83 13.91 3.27
CA SER A 513 6.26 14.27 4.60
C SER A 513 6.42 13.08 5.55
N LYS A 514 5.53 12.08 5.47
CA LYS A 514 5.68 10.90 6.32
C LYS A 514 7.06 10.26 6.06
N LEU A 515 7.46 10.18 4.78
CA LEU A 515 8.72 9.56 4.41
C LEU A 515 9.91 10.41 4.81
N PHE A 516 9.75 11.76 4.82
CA PHE A 516 10.79 12.65 5.31
C PHE A 516 11.06 12.34 6.80
N TRP A 517 9.98 12.23 7.60
CA TRP A 517 10.17 11.92 9.01
C TRP A 517 10.78 10.54 9.22
N ARG A 518 10.44 9.56 8.36
CA ARG A 518 11.01 8.24 8.46
C ARG A 518 12.52 8.30 8.19
N ALA A 519 12.91 9.09 7.18
CA ALA A 519 14.31 9.23 6.81
C ALA A 519 15.10 9.86 7.96
N LEU A 520 14.55 10.93 8.58
CA LEU A 520 15.25 11.58 9.69
C LEU A 520 15.40 10.60 10.84
N ALA A 521 14.33 9.87 11.18
CA ALA A 521 14.38 8.91 12.28
C ALA A 521 15.40 7.81 12.00
N MET A 522 15.55 7.39 10.73
CA MET A 522 16.50 6.36 10.35
C MET A 522 17.94 6.80 10.61
N LEU A 523 18.22 8.11 10.35
CA LEU A 523 19.55 8.69 10.59
C LEU A 523 19.84 8.73 12.08
N GLN A 524 18.84 9.10 12.89
CA GLN A 524 19.04 9.12 14.35
C GLN A 524 19.32 7.72 14.86
N ARG A 525 18.53 6.73 14.39
CA ARG A 525 18.66 5.35 14.82
C ARG A 525 20.02 4.74 14.46
N PHE A 526 20.45 4.91 13.20
CA PHE A 526 21.68 4.28 12.74
C PHE A 526 22.96 5.01 13.05
N SER A 527 22.90 6.33 13.21
CA SER A 527 24.11 7.09 13.55
C SER A 527 24.25 7.28 15.05
N GLY A 528 23.13 7.38 15.75
CA GLY A 528 23.12 7.65 17.19
C GLY A 528 23.51 9.08 17.52
N GLN A 529 23.59 9.93 16.47
CA GLN A 529 23.97 11.32 16.59
C GLN A 529 22.78 12.21 16.87
N SER A 530 23.04 13.42 17.37
CA SER A 530 22.01 14.36 17.76
C SER A 530 21.00 14.66 16.67
N LYS A 531 19.80 15.08 17.07
CA LYS A 531 18.73 15.50 16.18
C LYS A 531 19.22 16.66 15.28
N ALA A 532 19.98 17.62 15.84
CA ALA A 532 20.50 18.74 15.06
C ALA A 532 21.44 18.26 13.95
N ARG A 533 22.37 17.33 14.28
CA ARG A 533 23.32 16.79 13.31
C ARG A 533 22.61 15.98 12.22
N CYS A 534 21.58 15.20 12.61
CA CYS A 534 20.86 14.39 11.63
C CYS A 534 20.02 15.25 10.67
N ILE A 535 19.36 16.32 11.19
CA ILE A 535 18.59 17.22 10.33
C ILE A 535 19.56 17.89 9.34
N GLU A 536 20.69 18.41 9.84
CA GLU A 536 21.67 19.07 9.00
C GLU A 536 22.16 18.13 7.88
N SER A 537 22.52 16.88 8.21
CA SER A 537 22.99 15.93 7.20
C SER A 537 21.91 15.57 6.20
N LEU A 538 20.67 15.38 6.69
CA LEU A 538 19.57 15.05 5.79
C LEU A 538 19.31 16.19 4.80
N LEU A 539 19.22 17.44 5.31
CA LEU A 539 18.95 18.58 4.43
C LEU A 539 20.11 18.82 3.47
N ARG A 540 21.35 18.62 3.94
CA ARG A 540 22.52 18.78 3.08
C ARG A 540 22.51 17.75 1.95
N ALA A 541 22.13 16.48 2.26
CA ALA A 541 22.07 15.45 1.22
C ALA A 541 20.93 15.70 0.23
N ILE A 542 19.76 16.18 0.74
CA ILE A 542 18.64 16.45 -0.16
C ILE A 542 18.97 17.56 -1.14
N HIS A 543 19.50 18.69 -0.62
CA HIS A 543 19.72 19.87 -1.45
C HIS A 543 21.00 19.90 -2.26
N PHE A 544 21.93 18.99 -1.97
CA PHE A 544 23.21 18.90 -2.68
C PHE A 544 23.02 18.93 -4.20
N PRO A 545 23.79 19.74 -4.96
CA PRO A 545 24.96 20.55 -4.55
C PRO A 545 24.69 21.94 -4.00
N GLN A 546 23.42 22.31 -3.81
CA GLN A 546 23.08 23.59 -3.21
C GLN A 546 23.49 23.52 -1.73
N PRO A 547 24.37 24.44 -1.26
CA PRO A 547 24.78 24.39 0.15
C PRO A 547 23.62 24.78 1.07
N LEU A 548 23.68 24.38 2.34
CA LEU A 548 22.62 24.78 3.28
C LEU A 548 22.71 26.25 3.63
N SER A 549 21.54 26.86 3.74
CA SER A 549 21.35 28.26 4.11
C SER A 549 20.28 28.30 5.18
N ASP A 550 20.10 29.43 5.84
CA ASP A 550 19.06 29.56 6.86
C ASP A 550 17.66 29.46 6.24
N ASP A 551 17.50 29.91 4.97
CA ASP A 551 16.22 29.83 4.25
C ASP A 551 15.85 28.35 3.96
N ILE A 552 16.86 27.51 3.65
CA ILE A 552 16.63 26.07 3.41
C ILE A 552 16.32 25.39 4.75
N ARG A 553 17.07 25.71 5.81
CA ARG A 553 16.85 25.14 7.14
C ARG A 553 15.44 25.45 7.65
N ALA A 554 14.89 26.63 7.29
CA ALA A 554 13.57 27.10 7.71
C ALA A 554 12.43 26.79 6.71
N ALA A 555 12.76 26.16 5.56
CA ALA A 555 11.80 25.87 4.50
C ALA A 555 10.74 24.86 4.93
N PRO A 556 9.52 24.90 4.35
CA PRO A 556 8.52 23.87 4.70
C PRO A 556 9.03 22.50 4.24
N ILE A 557 8.58 21.44 4.91
CA ILE A 557 8.97 20.07 4.57
C ILE A 557 8.63 19.77 3.10
N SER A 558 7.55 20.38 2.56
CA SER A 558 7.17 20.18 1.16
C SER A 558 8.28 20.58 0.18
N CYS A 559 9.11 21.57 0.56
CA CYS A 559 10.24 22.00 -0.26
C CYS A 559 11.27 20.88 -0.30
N HIS A 560 11.61 20.32 0.87
CA HIS A 560 12.57 19.23 0.93
C HIS A 560 12.09 18.02 0.14
N VAL A 561 10.77 17.70 0.25
CA VAL A 561 10.20 16.58 -0.46
C VAL A 561 10.29 16.82 -1.97
N GLN A 562 9.97 18.03 -2.44
CA GLN A 562 10.02 18.33 -3.87
C GLN A 562 11.43 18.12 -4.43
N VAL A 563 12.43 18.57 -3.68
CA VAL A 563 13.83 18.43 -4.10
C VAL A 563 14.30 16.98 -4.00
N ALA A 564 13.87 16.25 -2.95
CA ALA A 564 14.32 14.87 -2.72
C ALA A 564 13.66 13.77 -3.52
N HIS A 565 12.40 13.95 -3.90
CA HIS A 565 11.59 12.86 -4.43
C HIS A 565 12.10 12.06 -5.59
N GLU A 566 12.89 12.67 -6.48
CA GLU A 566 13.43 11.92 -7.62
C GLU A 566 14.89 11.55 -7.45
N LYS A 567 15.45 11.80 -6.24
CA LYS A 567 16.83 11.45 -5.92
C LYS A 567 16.93 10.04 -5.36
N GLU A 568 18.09 9.43 -5.57
CA GLU A 568 18.38 8.09 -5.09
C GLU A 568 19.38 8.16 -3.96
N GLN A 569 19.31 7.18 -3.05
CA GLN A 569 20.28 6.96 -1.98
C GLN A 569 20.48 8.14 -1.04
N VAL A 570 19.47 9.00 -0.85
CA VAL A 570 19.61 10.13 0.07
C VAL A 570 19.97 9.70 1.50
N ILE A 571 19.30 8.66 2.02
CA ILE A 571 19.60 8.22 3.40
C ILE A 571 21.03 7.67 3.52
N PRO A 572 21.51 6.72 2.66
CA PRO A 572 22.88 6.23 2.84
C PRO A 572 23.93 7.33 2.63
N ILE A 573 23.66 8.33 1.76
CA ILE A 573 24.61 9.45 1.63
C ILE A 573 24.63 10.28 2.93
N ALA A 574 23.45 10.64 3.46
CA ALA A 574 23.38 11.40 4.71
C ALA A 574 23.97 10.62 5.88
N LEU A 575 23.74 9.30 5.91
CA LEU A 575 24.25 8.45 6.99
C LEU A 575 25.78 8.28 6.94
N LEU A 576 26.32 8.03 5.74
CA LEU A 576 27.78 7.90 5.58
C LEU A 576 28.45 9.23 5.94
N SER A 577 27.80 10.37 5.61
CA SER A 577 28.32 11.68 5.97
C SER A 577 28.45 11.82 7.49
N LEU A 578 27.44 11.32 8.24
CA LEU A 578 27.45 11.37 9.69
C LEU A 578 28.48 10.42 10.30
N LEU A 579 28.51 9.17 9.83
CA LEU A 579 29.42 8.13 10.34
C LEU A 579 30.88 8.44 10.11
N PHE A 580 31.23 8.91 8.90
CA PHE A 580 32.63 9.23 8.55
C PHE A 580 32.97 10.70 8.80
N ARG A 581 31.96 11.55 9.16
CA ARG A 581 32.13 13.01 9.37
C ARG A 581 32.81 13.57 8.11
N CYS A 582 32.22 13.25 6.95
CA CYS A 582 32.78 13.59 5.65
C CYS A 582 31.80 14.42 4.83
N SER A 583 32.27 14.91 3.68
CA SER A 583 31.46 15.70 2.77
C SER A 583 30.51 14.78 1.99
N ILE A 584 29.55 15.36 1.26
CA ILE A 584 28.66 14.57 0.41
C ILE A 584 29.45 13.86 -0.70
N THR A 585 30.42 14.55 -1.35
CA THR A 585 31.19 13.89 -2.43
C THR A 585 31.98 12.69 -1.92
N GLU A 586 32.50 12.79 -0.68
CA GLU A 586 33.25 11.69 -0.05
C GLU A 586 32.28 10.55 0.26
N ALA A 587 31.06 10.88 0.74
CA ALA A 587 30.03 9.86 1.03
C ALA A 587 29.61 9.16 -0.28
N GLN A 588 29.42 9.91 -1.38
CA GLN A 588 29.06 9.33 -2.68
C GLN A 588 30.17 8.40 -3.18
N ALA A 589 31.44 8.76 -2.94
CA ALA A 589 32.58 7.92 -3.37
C ALA A 589 32.59 6.61 -2.59
N HIS A 590 32.36 6.66 -1.25
CA HIS A 590 32.29 5.47 -0.38
C HIS A 590 31.18 4.53 -0.88
N LEU A 591 30.00 5.10 -1.21
CA LEU A 591 28.86 4.35 -1.71
C LEU A 591 29.15 3.69 -3.07
N ALA A 592 29.79 4.44 -4.00
CA ALA A 592 30.15 3.96 -5.34
C ALA A 592 31.11 2.78 -5.31
N ALA A 593 32.00 2.74 -4.31
CA ALA A 593 33.01 1.69 -4.13
C ALA A 593 32.44 0.37 -3.56
N ALA A 594 31.19 0.39 -3.08
CA ALA A 594 30.54 -0.76 -2.44
C ALA A 594 29.59 -1.52 -3.38
N PRO A 595 29.33 -2.84 -3.16
CA PRO A 595 28.40 -3.58 -4.03
C PRO A 595 26.93 -3.17 -3.87
N SER A 596 26.56 -2.64 -2.69
CA SER A 596 25.19 -2.19 -2.41
C SER A 596 25.20 -1.16 -1.30
N VAL A 597 24.07 -0.45 -1.12
CA VAL A 597 23.91 0.51 -0.03
C VAL A 597 23.94 -0.23 1.31
N CYS A 598 23.36 -1.46 1.35
CA CYS A 598 23.36 -2.31 2.54
C CYS A 598 24.82 -2.57 2.97
N GLU A 599 25.68 -3.02 2.03
CA GLU A 599 27.08 -3.32 2.32
C GLU A 599 27.90 -2.09 2.69
N ALA A 600 27.67 -0.96 2.01
CA ALA A 600 28.39 0.28 2.33
C ALA A 600 28.14 0.73 3.77
N VAL A 601 26.85 0.69 4.19
CA VAL A 601 26.49 1.11 5.53
C VAL A 601 26.94 0.10 6.58
N ARG A 602 26.78 -1.21 6.31
CA ARG A 602 27.23 -2.24 7.27
C ARG A 602 28.73 -2.14 7.52
N SER A 603 29.52 -1.87 6.45
CA SER A 603 30.97 -1.70 6.52
C SER A 603 31.34 -0.48 7.37
N ALA A 604 30.60 0.64 7.20
CA ALA A 604 30.83 1.88 7.95
C ALA A 604 30.44 1.74 9.43
N LEU A 605 29.40 0.94 9.72
CA LEU A 605 28.95 0.69 11.10
C LEU A 605 29.88 -0.26 11.86
N ALA A 606 30.65 -1.09 11.14
CA ALA A 606 31.58 -2.06 11.74
C ALA A 606 32.97 -1.44 11.91
#